data_6Q7W
#
_entry.id   6Q7W
#
_cell.length_a   121.218
_cell.length_b   121.218
_cell.length_c   114.555
_cell.angle_alpha   90.000
_cell.angle_beta   90.000
_cell.angle_gamma   120.000
#
_symmetry.space_group_name_H-M   'P 65 2 2'
#
loop_
_entity.id
_entity.type
_entity.pdbx_description
1 polymer 'Transcriptional regulator MvfR'
2 non-polymer ~{N}4-[3-(4-fluorophenyl)propyl]-6-(trifluoromethyl)pyridine-2,4-diamine
3 non-polymer GLYCEROL
4 water water
#
_entity_poly.entity_id   1
_entity_poly.type   'polypeptide(L)'
_entity_poly.pdbx_seq_one_letter_code
;GPRNLRVLLDTAIPPSFCDTVSSVLLDDFNMVSLIRTSPADSLATIKQDNAEIDIAITIDEELKISRFNQCVLGYTKAFV
VAHPQHPLCNASLHSIASLANYRQISLGSRSGQHSNLLRPVSDKVLFVENFDDMLRLVEAGVGWGIAPHYFVEERLRNGT
LAVLSELYEPGGIDTKVYCYYNTALESERSFLRFLESARQRLRELGRQRFDDAPAWQPSIVETAQRRSG
;
_entity_poly.pdbx_strand_id   A
#
# COMPACT_ATOMS: atom_id res chain seq x y z
N ARG A 3 25.57 1.13 11.80
CA ARG A 3 25.06 2.50 11.86
C ARG A 3 23.54 2.51 11.96
N ASN A 4 22.94 3.68 11.76
CA ASN A 4 21.49 3.80 11.80
C ASN A 4 20.88 3.21 10.55
N LEU A 5 19.75 2.50 10.73
CA LEU A 5 19.03 1.86 9.64
C LEU A 5 17.70 2.58 9.44
N ARG A 6 17.51 3.16 8.25
CA ARG A 6 16.30 3.90 7.94
C ARG A 6 15.35 3.02 7.13
N VAL A 7 14.15 2.78 7.66
CA VAL A 7 13.17 1.92 7.03
C VAL A 7 11.95 2.76 6.68
N LEU A 8 11.30 2.38 5.58
CA LEU A 8 10.17 3.13 5.03
C LEU A 8 8.99 2.18 4.88
N LEU A 9 7.86 2.54 5.50
CA LEU A 9 6.64 1.74 5.43
C LEU A 9 5.51 2.64 4.96
N ASP A 10 4.95 2.34 3.78
CA ASP A 10 3.87 3.18 3.29
C ASP A 10 2.61 2.95 4.11
N THR A 11 1.64 3.85 3.94
CA THR A 11 0.42 3.81 4.73
C THR A 11 -0.51 2.67 4.33
N ALA A 12 -0.17 1.93 3.27
CA ALA A 12 -0.96 0.77 2.87
C ALA A 12 -0.55 -0.51 3.60
N ILE A 13 0.53 -0.48 4.37
CA ILE A 13 1.00 -1.64 5.12
C ILE A 13 0.12 -1.80 6.36
N PRO A 14 -0.56 -2.93 6.54
CA PRO A 14 -1.39 -3.11 7.75
C PRO A 14 -0.57 -2.96 9.00
N PRO A 15 -1.19 -2.58 10.13
CA PRO A 15 -0.41 -2.46 11.38
C PRO A 15 0.21 -3.77 11.83
N SER A 16 -0.41 -4.91 11.52
CA SER A 16 0.20 -6.20 11.87
C SER A 16 1.53 -6.39 11.15
N PHE A 17 1.61 -5.95 9.90
CA PHE A 17 2.88 -5.96 9.19
C PHE A 17 3.88 -5.01 9.84
N CYS A 18 3.41 -3.82 10.23
CA CYS A 18 4.30 -2.86 10.87
C CYS A 18 4.83 -3.40 12.19
N ASP A 19 3.97 -4.01 13.00
CA ASP A 19 4.42 -4.57 14.27
C ASP A 19 5.47 -5.65 14.06
N THR A 20 5.25 -6.55 13.10
CA THR A 20 6.20 -7.63 12.84
C THR A 20 7.53 -7.07 12.36
N VAL A 21 7.50 -6.13 11.42
CA VAL A 21 8.74 -5.55 10.89
C VAL A 21 9.52 -4.87 12.00
N SER A 22 8.84 -4.06 12.82
CA SER A 22 9.53 -3.30 13.87
C SER A 22 10.14 -4.24 14.90
N SER A 23 9.37 -5.22 15.37
CA SER A 23 9.87 -6.11 16.42
C SER A 23 11.07 -6.91 15.93
N VAL A 24 11.03 -7.39 14.69
CA VAL A 24 12.12 -8.21 14.17
C VAL A 24 13.39 -7.38 14.00
N LEU A 25 13.25 -6.19 13.44
CA LEU A 25 14.42 -5.33 13.23
C LEU A 25 15.18 -5.10 14.54
N LEU A 26 14.46 -4.97 15.64
CA LEU A 26 15.10 -4.70 16.92
C LEU A 26 15.96 -5.86 17.40
N ASP A 27 15.70 -7.07 16.93
CA ASP A 27 16.51 -8.21 17.34
C ASP A 27 17.93 -8.13 16.80
N ASP A 28 18.10 -7.51 15.63
CA ASP A 28 19.39 -7.44 14.96
C ASP A 28 20.06 -6.08 15.08
N PHE A 29 19.37 -5.01 14.69
CA PHE A 29 19.95 -3.68 14.68
C PHE A 29 19.74 -2.97 16.01
N ASN A 30 20.64 -2.02 16.30
CA ASN A 30 20.59 -1.25 17.53
C ASN A 30 20.03 0.14 17.36
N MET A 31 19.80 0.59 16.12
CA MET A 31 19.15 1.86 15.86
C MET A 31 18.32 1.72 14.58
N VAL A 32 17.03 2.01 14.68
CA VAL A 32 16.11 1.86 13.56
C VAL A 32 15.22 3.10 13.49
N SER A 33 15.08 3.66 12.30
CA SER A 33 14.23 4.82 12.07
C SER A 33 13.09 4.43 11.15
N LEU A 34 11.89 4.34 11.71
CA LEU A 34 10.70 3.99 10.95
C LEU A 34 10.06 5.25 10.38
N ILE A 35 9.71 5.22 9.10
CA ILE A 35 9.20 6.39 8.39
C ILE A 35 7.96 5.97 7.61
N ARG A 36 6.89 6.74 7.73
CA ARG A 36 5.66 6.49 6.99
C ARG A 36 5.57 7.45 5.80
N THR A 37 4.99 6.95 4.71
CA THR A 37 4.81 7.72 3.50
C THR A 37 3.61 7.18 2.74
N SER A 38 3.17 7.94 1.75
CA SER A 38 2.11 7.45 0.90
C SER A 38 2.66 6.41 -0.07
N PRO A 39 1.87 5.38 -0.42
CA PRO A 39 2.34 4.43 -1.44
C PRO A 39 2.76 5.10 -2.73
N ALA A 40 2.14 6.24 -3.08
CA ALA A 40 2.50 6.96 -4.28
C ALA A 40 3.80 7.74 -4.15
N ASP A 41 4.31 7.91 -2.92
CA ASP A 41 5.56 8.61 -2.69
C ASP A 41 6.66 7.71 -2.17
N SER A 42 6.39 6.42 -1.95
CA SER A 42 7.41 5.53 -1.40
C SER A 42 8.61 5.42 -2.32
N LEU A 43 8.39 4.94 -3.55
CA LEU A 43 9.50 4.74 -4.47
C LEU A 43 10.20 6.05 -4.80
N ALA A 44 9.43 7.12 -4.97
CA ALA A 44 10.04 8.42 -5.27
C ALA A 44 10.97 8.86 -4.16
N THR A 45 10.76 8.39 -2.93
CA THR A 45 11.58 8.80 -1.81
C THR A 45 12.92 8.06 -1.79
N ILE A 46 12.88 6.73 -1.96
CA ILE A 46 14.13 5.96 -1.90
C ILE A 46 15.07 6.36 -3.02
N LYS A 47 14.53 6.78 -4.16
CA LYS A 47 15.36 7.21 -5.28
C LYS A 47 16.03 8.56 -5.03
N GLN A 48 15.71 9.23 -3.93
CA GLN A 48 16.41 10.44 -3.54
C GLN A 48 17.68 10.07 -2.78
N ASP A 49 18.83 10.42 -3.34
CA ASP A 49 20.10 10.07 -2.70
C ASP A 49 20.18 10.64 -1.29
N ASN A 50 19.70 11.86 -1.09
CA ASN A 50 19.77 12.49 0.22
C ASN A 50 18.87 11.80 1.24
N ALA A 51 17.91 11.00 0.80
CA ALA A 51 17.01 10.31 1.72
C ALA A 51 17.75 9.23 2.52
N GLU A 52 18.74 8.59 1.91
CA GLU A 52 19.54 7.56 2.59
C GLU A 52 18.66 6.47 3.18
N ILE A 53 17.58 6.12 2.48
CA ILE A 53 16.72 5.03 2.91
C ILE A 53 17.42 3.70 2.64
N ASP A 54 17.41 2.81 3.64
CA ASP A 54 18.01 1.50 3.53
C ASP A 54 17.01 0.42 3.15
N ILE A 55 15.79 0.49 3.68
CA ILE A 55 14.74 -0.49 3.41
C ILE A 55 13.44 0.26 3.19
N ALA A 56 12.59 -0.29 2.33
CA ALA A 56 11.30 0.31 2.03
C ALA A 56 10.27 -0.79 1.85
N ILE A 57 9.30 -0.86 2.77
CA ILE A 57 8.19 -1.79 2.68
C ILE A 57 7.03 -1.05 2.02
N THR A 58 6.73 -1.39 0.78
CA THR A 58 5.68 -0.69 0.05
C THR A 58 5.04 -1.64 -0.96
N ILE A 59 3.85 -1.25 -1.42
CA ILE A 59 3.14 -2.03 -2.43
C ILE A 59 3.42 -1.54 -3.85
N ASP A 60 3.92 -0.32 -4.01
CA ASP A 60 4.22 0.20 -5.34
C ASP A 60 5.32 -0.64 -5.97
N GLU A 61 5.15 -0.95 -7.26
CA GLU A 61 6.04 -1.87 -7.97
C GLU A 61 6.78 -1.13 -9.07
N GLU A 62 8.10 -1.36 -9.14
CA GLU A 62 8.93 -0.80 -10.20
C GLU A 62 9.99 -1.83 -10.54
N LEU A 63 10.15 -2.10 -11.84
CA LEU A 63 11.02 -3.18 -12.31
C LEU A 63 12.42 -3.08 -11.72
N LYS A 64 13.18 -2.08 -12.15
CA LYS A 64 14.57 -1.93 -11.72
C LYS A 64 14.77 -0.53 -11.16
N ILE A 65 15.29 -0.44 -9.95
CA ILE A 65 15.65 0.83 -9.32
C ILE A 65 17.14 0.77 -8.96
N SER A 66 17.88 1.81 -9.34
N SER A 66 17.88 1.81 -9.34
CA SER A 66 19.31 1.84 -9.07
CA SER A 66 19.31 1.84 -9.07
C SER A 66 19.56 1.76 -7.57
C SER A 66 19.56 1.76 -7.57
N ARG A 67 20.61 1.01 -7.20
CA ARG A 67 21.06 0.85 -5.82
C ARG A 67 20.11 0.04 -4.96
N PHE A 68 19.01 -0.48 -5.51
CA PHE A 68 18.02 -1.19 -4.72
C PHE A 68 17.61 -2.48 -5.40
N ASN A 69 17.35 -3.51 -4.58
CA ASN A 69 16.87 -4.80 -5.05
C ASN A 69 15.48 -5.06 -4.46
N GLN A 70 14.64 -5.73 -5.24
CA GLN A 70 13.25 -5.95 -4.89
C GLN A 70 13.03 -7.41 -4.50
N CYS A 71 12.26 -7.62 -3.42
CA CYS A 71 11.80 -8.95 -3.05
C CYS A 71 10.43 -8.82 -2.42
N VAL A 72 9.81 -9.97 -2.16
CA VAL A 72 8.42 -10.03 -1.68
C VAL A 72 8.42 -10.42 -0.22
N LEU A 73 7.68 -9.67 0.60
N LEU A 73 7.73 -9.64 0.61
CA LEU A 73 7.57 -9.89 2.04
CA LEU A 73 7.57 -9.96 2.01
C LEU A 73 6.27 -10.59 2.43
C LEU A 73 6.30 -10.77 2.26
N GLY A 74 5.17 -10.28 1.76
CA GLY A 74 3.92 -10.91 2.05
C GLY A 74 2.83 -10.37 1.15
N TYR A 75 1.58 -10.59 1.56
CA TYR A 75 0.43 -10.23 0.75
C TYR A 75 -0.61 -9.55 1.61
N THR A 76 -1.27 -8.54 1.05
CA THR A 76 -2.36 -7.86 1.73
C THR A 76 -3.53 -7.73 0.76
N LYS A 77 -4.64 -7.24 1.28
CA LYS A 77 -5.87 -7.08 0.51
C LYS A 77 -6.16 -5.60 0.31
N ALA A 78 -6.86 -5.30 -0.78
CA ALA A 78 -7.30 -3.94 -1.08
C ALA A 78 -8.65 -4.01 -1.76
N PHE A 79 -9.52 -3.06 -1.46
CA PHE A 79 -10.89 -3.07 -1.94
C PHE A 79 -11.23 -1.77 -2.63
N VAL A 80 -12.03 -1.86 -3.70
CA VAL A 80 -12.66 -0.70 -4.30
C VAL A 80 -13.91 -0.39 -3.48
N VAL A 81 -13.96 0.80 -2.89
CA VAL A 81 -15.03 1.19 -1.98
C VAL A 81 -15.74 2.42 -2.52
N ALA A 82 -16.99 2.57 -2.13
CA ALA A 82 -17.81 3.73 -2.53
C ALA A 82 -18.94 3.88 -1.53
N HIS A 83 -19.64 5.01 -1.64
CA HIS A 83 -20.80 5.26 -0.80
C HIS A 83 -21.84 4.18 -1.03
N PRO A 84 -22.51 3.69 0.01
CA PRO A 84 -23.51 2.63 -0.20
C PRO A 84 -24.58 2.98 -1.24
N GLN A 85 -24.87 4.26 -1.42
CA GLN A 85 -25.85 4.71 -2.40
C GLN A 85 -25.21 5.22 -3.68
N HIS A 86 -23.96 4.84 -3.94
CA HIS A 86 -23.29 5.24 -5.17
C HIS A 86 -24.04 4.64 -6.37
N PRO A 87 -24.07 5.34 -7.50
CA PRO A 87 -24.76 4.78 -8.68
C PRO A 87 -24.32 3.38 -9.04
N LEU A 88 -23.07 3.02 -8.71
CA LEU A 88 -22.54 1.70 -9.01
C LEU A 88 -22.72 0.71 -7.86
N CYS A 89 -23.74 0.91 -7.02
CA CYS A 89 -23.94 0.05 -5.86
C CYS A 89 -24.29 -1.38 -6.25
N ASN A 90 -24.81 -1.60 -7.46
CA ASN A 90 -25.14 -2.96 -7.88
C ASN A 90 -23.91 -3.86 -7.94
N ALA A 91 -22.74 -3.26 -8.16
CA ALA A 91 -21.46 -3.99 -8.17
C ALA A 91 -21.43 -5.09 -9.23
N SER A 92 -22.27 -5.00 -10.25
CA SER A 92 -22.31 -5.99 -11.31
C SER A 92 -21.06 -5.85 -12.19
N LEU A 93 -21.05 -6.57 -13.31
CA LEU A 93 -19.91 -6.51 -14.23
C LEU A 93 -19.92 -5.22 -15.04
N HIS A 94 -21.11 -4.78 -15.48
CA HIS A 94 -21.20 -3.54 -16.24
C HIS A 94 -20.71 -2.34 -15.43
N SER A 95 -20.88 -2.39 -14.11
CA SER A 95 -20.42 -1.28 -13.26
C SER A 95 -18.91 -1.30 -13.10
N ILE A 96 -18.32 -2.48 -12.86
CA ILE A 96 -16.87 -2.57 -12.69
C ILE A 96 -16.15 -2.04 -13.92
N ALA A 97 -16.72 -2.24 -15.11
CA ALA A 97 -16.10 -1.71 -16.32
C ALA A 97 -16.29 -0.20 -16.44
N SER A 98 -17.34 0.34 -15.83
CA SER A 98 -17.66 1.75 -15.93
C SER A 98 -16.97 2.61 -14.88
N LEU A 99 -16.07 2.02 -14.09
CA LEU A 99 -15.32 2.80 -13.11
C LEU A 99 -14.54 3.92 -13.78
N ALA A 100 -14.12 3.71 -15.03
CA ALA A 100 -13.37 4.73 -15.76
C ALA A 100 -14.22 5.95 -16.10
N ASN A 101 -15.54 5.88 -15.93
CA ASN A 101 -16.42 6.99 -16.24
C ASN A 101 -16.78 7.84 -15.02
N TYR A 102 -16.65 7.29 -13.82
CA TYR A 102 -17.00 8.01 -12.60
C TYR A 102 -15.75 8.60 -11.95
N ARG A 103 -15.99 9.50 -11.00
CA ARG A 103 -14.92 10.21 -10.33
C ARG A 103 -14.21 9.28 -9.35
N GLN A 104 -12.88 9.31 -9.37
CA GLN A 104 -12.06 8.50 -8.48
C GLN A 104 -11.30 9.39 -7.52
N ILE A 105 -11.21 8.95 -6.26
CA ILE A 105 -10.41 9.64 -5.24
C ILE A 105 -9.12 8.83 -5.10
N SER A 106 -8.08 9.26 -5.82
CA SER A 106 -6.81 8.56 -5.85
CA SER A 106 -6.81 8.56 -5.85
C SER A 106 -5.77 9.29 -5.01
N LEU A 107 -4.71 8.56 -4.67
CA LEU A 107 -3.61 9.15 -3.93
C LEU A 107 -2.76 10.02 -4.85
N GLY A 108 -2.53 11.26 -4.44
CA GLY A 108 -1.69 12.16 -5.20
C GLY A 108 -0.21 11.98 -4.83
N SER A 109 0.64 12.01 -5.84
CA SER A 109 2.08 11.89 -5.66
C SER A 109 2.72 13.26 -5.69
N ARG A 110 3.68 13.49 -4.79
CA ARG A 110 4.39 14.76 -4.77
C ARG A 110 5.06 15.05 -6.11
N SER A 111 5.53 14.01 -6.80
CA SER A 111 6.16 14.17 -8.11
C SER A 111 5.15 14.35 -9.24
N GLY A 112 3.86 14.13 -8.98
CA GLY A 112 2.85 14.25 -9.99
C GLY A 112 2.72 13.07 -10.92
N GLN A 113 3.65 12.12 -10.87
CA GLN A 113 3.62 10.94 -11.72
C GLN A 113 3.38 9.69 -10.88
N HIS A 114 2.60 8.76 -11.43
CA HIS A 114 2.26 7.52 -10.76
C HIS A 114 2.78 6.34 -11.58
N SER A 115 2.68 5.17 -10.98
CA SER A 115 2.99 3.91 -11.65
C SER A 115 1.71 3.26 -12.14
N ASN A 116 1.87 2.22 -12.97
CA ASN A 116 0.70 1.52 -13.49
C ASN A 116 -0.19 1.00 -12.37
N LEU A 117 0.40 0.61 -11.23
CA LEU A 117 -0.39 0.07 -10.14
C LEU A 117 -1.23 1.16 -9.47
N LEU A 118 -0.65 2.33 -9.25
CA LEU A 118 -1.31 3.38 -8.48
C LEU A 118 -1.90 4.49 -9.36
N ARG A 119 -1.59 4.51 -10.65
CA ARG A 119 -2.14 5.55 -11.51
C ARG A 119 -3.66 5.41 -11.59
N PRO A 120 -4.42 6.50 -11.48
CA PRO A 120 -5.87 6.38 -11.50
C PRO A 120 -6.38 5.79 -12.81
N VAL A 121 -7.55 5.14 -12.73
CA VAL A 121 -8.12 4.47 -13.89
C VAL A 121 -9.06 5.41 -14.66
N SER A 122 -9.78 6.28 -13.97
CA SER A 122 -10.76 7.14 -14.60
C SER A 122 -10.15 8.49 -14.95
N ASP A 123 -10.84 9.21 -15.84
CA ASP A 123 -10.39 10.54 -16.26
C ASP A 123 -10.72 11.59 -15.19
N LYS A 124 -11.87 11.45 -14.54
CA LYS A 124 -12.24 12.34 -13.45
C LYS A 124 -11.57 11.86 -12.17
N VAL A 125 -10.53 12.58 -11.74
CA VAL A 125 -9.74 12.19 -10.59
C VAL A 125 -9.64 13.37 -9.63
N LEU A 126 -9.61 13.06 -8.34
CA LEU A 126 -9.45 14.05 -7.28
C LEU A 126 -8.35 13.53 -6.35
N PHE A 127 -7.16 14.11 -6.45
CA PHE A 127 -6.03 13.62 -5.69
C PHE A 127 -6.11 14.05 -4.23
N VAL A 128 -5.47 13.26 -3.38
CA VAL A 128 -5.38 13.55 -1.94
C VAL A 128 -3.98 13.18 -1.47
N GLU A 129 -3.75 13.25 -0.16
CA GLU A 129 -2.44 12.96 0.42
C GLU A 129 -2.40 11.71 1.27
N ASN A 130 -3.55 11.25 1.78
CA ASN A 130 -3.58 10.08 2.65
C ASN A 130 -4.93 9.40 2.50
N PHE A 131 -5.04 8.22 3.14
CA PHE A 131 -6.26 7.44 3.03
C PHE A 131 -7.41 8.03 3.84
N ASP A 132 -7.11 8.77 4.91
CA ASP A 132 -8.17 9.40 5.69
C ASP A 132 -8.91 10.43 4.85
N ASP A 133 -8.18 11.30 4.16
CA ASP A 133 -8.83 12.26 3.28
C ASP A 133 -9.57 11.56 2.14
N MET A 134 -9.06 10.41 1.68
CA MET A 134 -9.75 9.67 0.63
C MET A 134 -11.12 9.20 1.12
N LEU A 135 -11.13 8.41 2.19
CA LEU A 135 -12.38 7.84 2.67
C LEU A 135 -13.34 8.91 3.16
N ARG A 136 -12.82 10.02 3.69
CA ARG A 136 -13.68 11.12 4.08
CA ARG A 136 -13.70 11.11 4.09
C ARG A 136 -14.49 11.63 2.90
N LEU A 137 -13.87 11.69 1.72
CA LEU A 137 -14.59 12.09 0.51
C LEU A 137 -15.45 10.96 -0.05
N VAL A 138 -15.01 9.71 0.10
CA VAL A 138 -15.79 8.58 -0.41
C VAL A 138 -17.10 8.44 0.36
N GLU A 139 -17.04 8.59 1.69
CA GLU A 139 -18.25 8.54 2.49
C GLU A 139 -19.22 9.65 2.12
N ALA A 140 -18.72 10.75 1.56
CA ALA A 140 -19.56 11.86 1.13
C ALA A 140 -20.18 11.63 -0.24
N GLY A 141 -19.89 10.51 -0.90
CA GLY A 141 -20.44 10.24 -2.21
C GLY A 141 -19.77 10.99 -3.33
N VAL A 142 -18.63 11.64 -3.09
CA VAL A 142 -17.96 12.40 -4.13
C VAL A 142 -17.43 11.48 -5.22
N GLY A 143 -16.89 10.33 -4.83
CA GLY A 143 -16.36 9.38 -5.79
C GLY A 143 -15.86 8.13 -5.09
N TRP A 144 -15.47 7.15 -5.90
CA TRP A 144 -14.97 5.90 -5.39
C TRP A 144 -13.44 5.95 -5.23
N GLY A 145 -12.91 4.98 -4.49
CA GLY A 145 -11.49 4.92 -4.25
C GLY A 145 -11.04 3.50 -4.01
N ILE A 146 -9.73 3.35 -3.77
CA ILE A 146 -9.11 2.07 -3.45
C ILE A 146 -8.35 2.25 -2.15
N ALA A 147 -8.64 1.40 -1.18
CA ALA A 147 -8.02 1.50 0.13
C ALA A 147 -7.68 0.09 0.63
N PRO A 148 -6.73 -0.02 1.56
CA PRO A 148 -6.40 -1.32 2.13
C PRO A 148 -7.55 -1.86 2.97
N HIS A 149 -7.44 -3.15 3.32
CA HIS A 149 -8.49 -3.80 4.09
C HIS A 149 -8.61 -3.21 5.48
N TYR A 150 -7.48 -3.07 6.19
CA TYR A 150 -7.52 -2.60 7.57
C TYR A 150 -8.08 -1.19 7.69
N PHE A 151 -8.03 -0.41 6.61
CA PHE A 151 -8.50 0.96 6.64
C PHE A 151 -10.00 1.08 6.42
N VAL A 152 -10.66 0.01 5.97
CA VAL A 152 -12.09 0.04 5.69
C VAL A 152 -12.85 -1.09 6.36
N GLU A 153 -12.17 -1.99 7.06
CA GLU A 153 -12.87 -3.09 7.73
C GLU A 153 -13.91 -2.55 8.70
N GLU A 154 -13.56 -1.51 9.46
CA GLU A 154 -14.52 -0.92 10.40
C GLU A 154 -15.73 -0.36 9.67
N ARG A 155 -15.49 0.40 8.59
CA ARG A 155 -16.58 1.07 7.89
C ARG A 155 -17.50 0.08 7.20
N LEU A 156 -16.95 -1.01 6.67
CA LEU A 156 -17.78 -1.99 5.98
C LEU A 156 -18.81 -2.60 6.91
N ARG A 157 -18.37 -3.02 8.10
CA ARG A 157 -19.29 -3.62 9.06
C ARG A 157 -20.31 -2.61 9.57
N ASN A 158 -19.93 -1.34 9.63
CA ASN A 158 -20.86 -0.28 10.04
C ASN A 158 -21.78 0.17 8.92
N GLY A 159 -21.65 -0.39 7.72
CA GLY A 159 -22.51 -0.04 6.61
C GLY A 159 -22.23 1.29 5.95
N THR A 160 -21.33 2.10 6.51
CA THR A 160 -21.01 3.40 5.92
CA THR A 160 -21.04 3.40 5.90
C THR A 160 -20.27 3.28 4.59
N LEU A 161 -19.76 2.09 4.26
CA LEU A 161 -19.06 1.87 3.01
C LEU A 161 -19.54 0.56 2.39
N ALA A 162 -19.26 0.40 1.10
CA ALA A 162 -19.61 -0.81 0.37
C ALA A 162 -18.48 -1.17 -0.58
N VAL A 163 -18.34 -2.47 -0.84
CA VAL A 163 -17.29 -2.98 -1.72
C VAL A 163 -17.86 -3.11 -3.12
N LEU A 164 -17.05 -2.71 -4.11
CA LEU A 164 -17.45 -2.81 -5.51
C LEU A 164 -16.59 -3.80 -6.31
N SER A 165 -15.49 -4.28 -5.74
CA SER A 165 -14.53 -5.11 -6.47
C SER A 165 -14.68 -6.60 -6.16
N GLU A 166 -15.84 -7.02 -5.67
CA GLU A 166 -16.00 -8.42 -5.31
C GLU A 166 -16.03 -9.31 -6.54
N LEU A 167 -16.67 -8.86 -7.61
CA LEU A 167 -16.73 -9.65 -8.84
C LEU A 167 -15.46 -9.53 -9.68
N TYR A 168 -14.65 -8.50 -9.45
CA TYR A 168 -13.35 -8.44 -10.10
C TYR A 168 -12.39 -9.46 -9.50
N GLU A 169 -12.30 -9.50 -8.17
CA GLU A 169 -11.47 -10.48 -7.46
C GLU A 169 -12.15 -10.78 -6.14
N PRO A 170 -12.84 -11.91 -6.04
CA PRO A 170 -13.53 -12.25 -4.78
C PRO A 170 -12.56 -12.24 -3.59
N GLY A 171 -13.08 -11.83 -2.43
CA GLY A 171 -12.30 -11.78 -1.22
C GLY A 171 -11.33 -10.62 -1.12
N GLY A 172 -11.30 -9.75 -2.12
CA GLY A 172 -10.39 -8.62 -2.14
C GLY A 172 -9.32 -8.75 -3.21
N ILE A 173 -8.70 -7.62 -3.52
CA ILE A 173 -7.67 -7.55 -4.55
C ILE A 173 -6.34 -7.86 -3.89
N ASP A 174 -5.84 -9.07 -4.11
CA ASP A 174 -4.54 -9.47 -3.54
CA ASP A 174 -4.54 -9.47 -3.54
C ASP A 174 -3.45 -8.53 -4.04
N THR A 175 -2.74 -7.91 -3.10
CA THR A 175 -1.71 -6.93 -3.40
C THR A 175 -0.42 -7.33 -2.70
N LYS A 176 0.64 -7.54 -3.48
CA LYS A 176 1.92 -7.93 -2.93
C LYS A 176 2.55 -6.79 -2.14
N VAL A 177 3.25 -7.15 -1.07
CA VAL A 177 4.01 -6.20 -0.28
C VAL A 177 5.48 -6.46 -0.57
N TYR A 178 6.14 -5.51 -1.23
CA TYR A 178 7.53 -5.65 -1.60
C TYR A 178 8.44 -5.09 -0.52
N CYS A 179 9.71 -5.50 -0.58
CA CYS A 179 10.75 -4.97 0.29
C CYS A 179 11.93 -4.56 -0.59
N TYR A 180 12.11 -3.25 -0.76
CA TYR A 180 13.24 -2.71 -1.50
C TYR A 180 14.35 -2.44 -0.50
N TYR A 181 15.49 -3.11 -0.68
CA TYR A 181 16.63 -2.97 0.22
C TYR A 181 17.86 -2.55 -0.57
N ASN A 182 18.66 -1.66 0.02
CA ASN A 182 19.88 -1.21 -0.63
C ASN A 182 20.78 -2.41 -0.92
N THR A 183 21.47 -2.36 -2.05
CA THR A 183 22.33 -3.47 -2.45
CA THR A 183 22.33 -3.47 -2.45
C THR A 183 23.38 -3.78 -1.39
N ALA A 184 23.75 -2.79 -0.58
CA ALA A 184 24.75 -3.01 0.46
C ALA A 184 24.29 -4.03 1.49
N LEU A 185 22.98 -4.22 1.65
CA LEU A 185 22.45 -5.11 2.67
C LEU A 185 22.36 -6.57 2.22
N GLU A 186 22.53 -6.85 0.92
CA GLU A 186 22.38 -8.21 0.45
C GLU A 186 23.41 -9.15 1.05
N SER A 187 24.54 -8.63 1.54
CA SER A 187 25.59 -9.45 2.11
C SER A 187 25.59 -9.50 3.63
N GLU A 188 24.90 -8.57 4.29
CA GLU A 188 24.88 -8.53 5.75
C GLU A 188 23.86 -9.53 6.28
N ARG A 189 24.33 -10.47 7.10
CA ARG A 189 23.44 -11.48 7.68
C ARG A 189 22.33 -10.85 8.50
N SER A 190 22.54 -9.64 9.03
CA SER A 190 21.49 -8.98 9.81
C SER A 190 20.21 -8.82 9.00
N PHE A 191 20.34 -8.44 7.73
CA PHE A 191 19.15 -8.27 6.89
C PHE A 191 18.51 -9.60 6.55
N LEU A 192 19.33 -10.63 6.26
CA LEU A 192 18.79 -11.93 5.95
C LEU A 192 17.98 -12.49 7.11
N ARG A 193 18.49 -12.34 8.34
CA ARG A 193 17.74 -12.79 9.50
C ARG A 193 16.41 -12.06 9.62
N PHE A 194 16.41 -10.75 9.36
CA PHE A 194 15.16 -9.98 9.40
C PHE A 194 14.19 -10.48 8.35
N LEU A 195 14.68 -10.68 7.11
CA LEU A 195 13.79 -11.07 6.02
C LEU A 195 13.15 -12.42 6.30
N GLU A 196 13.96 -13.41 6.71
CA GLU A 196 13.42 -14.74 6.97
C GLU A 196 12.48 -14.72 8.17
N SER A 197 12.83 -14.01 9.23
CA SER A 197 11.98 -13.95 10.41
C SER A 197 10.68 -13.21 10.11
N ALA A 198 10.78 -12.03 9.51
CA ALA A 198 9.57 -11.27 9.18
C ALA A 198 8.66 -12.05 8.25
N ARG A 199 9.24 -12.73 7.25
CA ARG A 199 8.44 -13.54 6.34
C ARG A 199 7.77 -14.68 7.07
N GLN A 200 8.53 -15.40 7.91
CA GLN A 200 7.96 -16.53 8.63
C GLN A 200 6.88 -16.08 9.60
N ARG A 201 7.14 -15.00 10.34
CA ARG A 201 6.14 -14.49 11.28
C ARG A 201 4.90 -13.99 10.56
N LEU A 202 5.06 -13.51 9.32
CA LEU A 202 3.90 -13.06 8.55
C LEU A 202 3.08 -14.25 8.05
N ARG A 203 3.75 -15.34 7.65
CA ARG A 203 3.03 -16.53 7.24
C ARG A 203 2.26 -17.14 8.40
N GLU A 204 2.85 -17.11 9.61
CA GLU A 204 2.13 -17.60 10.78
C GLU A 204 0.92 -16.73 11.09
N LEU A 205 1.08 -15.40 11.01
CA LEU A 205 -0.06 -14.51 11.21
C LEU A 205 -1.05 -14.56 10.05
N GLY A 206 -0.61 -15.03 8.88
CA GLY A 206 -1.52 -15.14 7.76
C GLY A 206 -2.50 -16.28 7.89
N ARG A 207 -2.11 -17.36 8.55
CA ARG A 207 -2.98 -18.51 8.75
C ARG A 207 -3.26 -18.72 10.24
#